data_8Q96
#
_entry.id   8Q96
#
_cell.length_a   1.00
_cell.length_b   1.00
_cell.length_c   1.00
_cell.angle_alpha   90.00
_cell.angle_beta   90.00
_cell.angle_gamma   90.00
#
_symmetry.space_group_name_H-M   'P 1'
#
loop_
_entity.id
_entity.type
_entity.pdbx_description
1 polymer 'Isoform Tau-E of Microtubule-associated protein tau'
2 polymer 'Unknown protein'
3 polymer 'Unknown protein'
#
loop_
_entity_poly.entity_id
_entity_poly.type
_entity_poly.pdbx_seq_one_letter_code
_entity_poly.pdbx_strand_id
1 'polypeptide(L)' KVQIINKKLDLSNVQSKCGSKDNIKHVSGGGSVQIVYKPVDLSKVTSKCGSLGNIH A,D,G,J
2 'polypeptide(L)' (UNK)(UNK)(UNK)(UNK)(UNK)(UNK)(UNK)(UNK)(UNK)(UNK)(UNK)(UNK) B,E,H,K
3 'polypeptide(L)' (UNK)(UNK)(UNK)(UNK)(UNK)(UNK)(UNK)(UNK)(UNK)(UNK) C,F,I,L
#
# COMPACT_ATOMS: atom_id res chain seq x y z
N LYS A 1 8.23 37.31 7.54
CA LYS A 1 8.05 36.44 6.34
C LYS A 1 6.79 35.58 6.46
N VAL A 2 6.14 35.31 5.32
CA VAL A 2 4.96 34.46 5.29
C VAL A 2 5.41 33.06 4.85
N GLN A 3 4.91 32.04 5.54
CA GLN A 3 5.19 30.65 5.20
C GLN A 3 3.91 29.83 5.34
N ILE A 4 3.67 28.92 4.40
CA ILE A 4 2.54 28.02 4.45
C ILE A 4 3.04 26.63 4.04
N ILE A 5 2.71 25.62 4.84
CA ILE A 5 3.02 24.24 4.53
C ILE A 5 1.72 23.46 4.56
N ASN A 6 1.53 22.60 3.58
CA ASN A 6 0.32 21.79 3.45
C ASN A 6 0.75 20.39 3.01
N LYS A 7 0.93 19.48 3.98
CA LYS A 7 1.34 18.11 3.68
C LYS A 7 0.29 17.13 4.10
N LYS A 8 -0.01 16.15 3.24
CA LYS A 8 -1.03 15.16 3.57
C LYS A 8 -0.40 14.05 4.40
N LEU A 9 0.85 13.68 4.10
CA LEU A 9 1.43 12.50 4.68
C LEU A 9 2.95 12.66 4.77
N ASP A 10 3.46 12.97 5.97
CA ASP A 10 4.82 13.44 6.17
C ASP A 10 5.64 12.40 6.92
N LEU A 11 6.72 11.92 6.29
CA LEU A 11 7.78 11.17 6.95
C LEU A 11 9.13 11.77 6.55
N SER A 12 9.24 13.08 6.70
CA SER A 12 10.45 13.74 6.25
C SER A 12 11.47 13.55 7.36
N ASN A 13 12.70 13.19 6.98
CA ASN A 13 13.79 13.07 7.93
C ASN A 13 14.66 14.31 7.84
N VAL A 14 15.02 14.88 9.01
CA VAL A 14 16.02 15.93 9.10
C VAL A 14 16.96 15.61 10.25
N GLN A 15 18.24 15.41 9.94
CA GLN A 15 19.24 15.07 10.96
C GLN A 15 20.45 15.99 10.85
N SER A 16 21.18 16.09 11.95
CA SER A 16 22.42 16.84 11.99
C SER A 16 23.35 16.27 13.04
N LYS A 17 24.53 15.81 12.62
CA LYS A 17 25.52 15.25 13.53
C LYS A 17 24.96 14.01 14.20
N CYS A 18 24.46 13.08 13.40
CA CYS A 18 23.81 11.91 13.96
C CYS A 18 24.52 10.66 13.44
N GLY A 19 24.91 9.78 14.37
CA GLY A 19 25.55 8.53 14.05
C GLY A 19 24.60 7.36 14.20
N SER A 20 24.80 6.31 13.40
CA SER A 20 23.93 5.14 13.48
C SER A 20 24.67 3.89 13.01
N LYS A 21 24.95 2.99 13.95
CA LYS A 21 25.60 1.74 13.62
C LYS A 21 24.58 0.61 13.71
N ASP A 22 24.38 -0.13 12.61
CA ASP A 22 23.42 -1.22 12.55
C ASP A 22 24.13 -2.50 12.10
N ASN A 23 24.05 -3.56 12.92
CA ASN A 23 24.75 -4.81 12.65
C ASN A 23 23.74 -5.94 12.61
N ILE A 24 23.96 -6.89 11.68
CA ILE A 24 23.31 -8.19 11.69
C ILE A 24 24.39 -9.23 11.48
N LYS A 25 24.82 -9.90 12.56
CA LYS A 25 26.06 -10.65 12.50
C LYS A 25 25.75 -12.05 12.03
N HIS A 26 25.09 -12.86 12.85
CA HIS A 26 25.10 -14.31 12.63
C HIS A 26 23.68 -14.85 12.49
N VAL A 27 23.27 -15.14 11.26
CA VAL A 27 21.94 -15.66 11.02
C VAL A 27 22.08 -17.00 10.34
N SER A 28 21.46 -18.03 10.91
CA SER A 28 21.48 -19.37 10.35
C SER A 28 20.05 -19.87 10.23
N GLY A 29 19.77 -20.60 9.15
CA GLY A 29 18.50 -21.27 8.96
C GLY A 29 18.70 -22.66 8.38
N GLY A 30 17.93 -23.63 8.86
CA GLY A 30 17.86 -24.93 8.21
C GLY A 30 17.24 -24.81 6.82
N GLY A 31 16.21 -23.99 6.70
CA GLY A 31 15.51 -23.83 5.44
C GLY A 31 15.98 -22.60 4.67
N SER A 32 15.05 -21.67 4.49
CA SER A 32 15.24 -20.55 3.59
C SER A 32 15.40 -19.30 4.46
N VAL A 33 16.53 -18.60 4.30
CA VAL A 33 16.79 -17.41 5.06
C VAL A 33 16.49 -16.19 4.19
N GLN A 34 15.72 -15.26 4.71
CA GLN A 34 15.37 -14.05 3.99
C GLN A 34 15.64 -12.85 4.88
N ILE A 35 16.44 -11.89 4.41
CA ILE A 35 16.76 -10.71 5.18
C ILE A 35 16.42 -9.50 4.34
N VAL A 36 15.54 -8.65 4.87
CA VAL A 36 15.12 -7.46 4.14
C VAL A 36 15.49 -6.25 4.99
N TYR A 37 16.35 -5.39 4.46
CA TYR A 37 17.00 -4.36 5.26
C TYR A 37 16.54 -3.00 4.78
N LYS A 38 15.91 -2.23 5.69
CA LYS A 38 15.36 -0.91 5.42
C LYS A 38 14.56 -0.83 4.11
N PRO A 39 13.56 -1.69 3.88
CA PRO A 39 12.73 -1.53 2.69
C PRO A 39 11.82 -0.32 2.77
N VAL A 40 11.51 0.22 1.59
CA VAL A 40 10.48 1.24 1.42
C VAL A 40 9.56 0.76 0.33
N ASP A 41 8.26 0.66 0.63
CA ASP A 41 7.33 0.00 -0.27
C ASP A 41 6.17 0.95 -0.52
N LEU A 42 6.16 1.51 -1.73
CA LEU A 42 5.07 2.33 -2.22
C LEU A 42 4.32 1.61 -3.34
N SER A 43 4.49 0.28 -3.45
CA SER A 43 3.95 -0.45 -4.59
C SER A 43 2.43 -0.53 -4.54
N LYS A 44 1.77 -0.48 -5.71
CA LYS A 44 0.32 -0.58 -5.80
C LYS A 44 0.01 -1.86 -6.55
N VAL A 45 -1.08 -2.53 -6.17
CA VAL A 45 -1.59 -3.68 -6.91
C VAL A 45 -3.10 -3.56 -6.96
N THR A 46 -3.62 -3.09 -8.08
CA THR A 46 -5.00 -2.67 -8.17
C THR A 46 -5.70 -3.44 -9.27
N SER A 47 -7.04 -3.49 -9.21
CA SER A 47 -7.84 -4.03 -10.31
C SER A 47 -9.17 -3.29 -10.37
N LYS A 48 -9.19 -2.24 -11.18
CA LYS A 48 -10.38 -1.42 -11.33
C LYS A 48 -11.26 -2.13 -12.36
N CYS A 49 -12.56 -2.02 -12.17
CA CYS A 49 -13.49 -2.37 -13.22
C CYS A 49 -14.78 -1.58 -13.09
N GLY A 50 -15.27 -1.00 -14.19
CA GLY A 50 -16.54 -0.28 -14.16
C GLY A 50 -17.60 -1.07 -14.91
N SER A 51 -18.79 -1.16 -14.33
CA SER A 51 -19.91 -1.85 -14.94
C SER A 51 -19.55 -3.29 -15.34
N LEU A 52 -19.41 -4.15 -14.34
CA LEU A 52 -19.27 -5.58 -14.58
C LEU A 52 -20.65 -6.23 -14.57
N GLY A 53 -20.98 -7.00 -15.62
CA GLY A 53 -22.26 -7.66 -15.76
C GLY A 53 -22.07 -9.17 -15.94
N ASN A 54 -22.82 -9.97 -15.17
CA ASN A 54 -22.73 -11.43 -15.24
C ASN A 54 -24.15 -11.98 -15.30
N ILE A 55 -24.68 -12.10 -16.52
CA ILE A 55 -26.04 -12.54 -16.74
C ILE A 55 -26.00 -14.03 -17.05
N HIS A 56 -26.99 -14.77 -16.56
CA HIS A 56 -27.15 -16.19 -16.82
C HIS A 56 -28.65 -16.45 -17.06
N UNK B 1 -33.65 -11.12 -23.37
CA UNK B 1 -33.93 -9.87 -24.14
C UNK B 1 -32.79 -8.87 -23.92
N UNK B 2 -33.08 -7.56 -23.89
CA UNK B 2 -32.05 -6.54 -23.89
C UNK B 2 -31.16 -6.67 -22.65
N UNK B 3 -29.87 -6.33 -22.80
CA UNK B 3 -28.93 -6.32 -21.70
C UNK B 3 -27.81 -5.31 -22.00
N UNK B 4 -27.96 -4.06 -21.52
CA UNK B 4 -26.96 -3.03 -21.73
C UNK B 4 -26.01 -2.99 -20.52
N UNK B 5 -24.78 -2.48 -20.75
CA UNK B 5 -23.80 -2.26 -19.68
C UNK B 5 -22.93 -1.05 -20.02
N UNK B 6 -23.42 0.15 -19.73
CA UNK B 6 -22.67 1.36 -20.06
C UNK B 6 -21.67 1.66 -18.94
N UNK B 7 -20.66 2.49 -19.21
CA UNK B 7 -19.75 2.98 -18.19
C UNK B 7 -19.02 4.23 -18.70
N UNK B 8 -19.46 5.41 -18.26
CA UNK B 8 -18.91 6.68 -18.72
C UNK B 8 -17.96 7.22 -17.65
N UNK B 9 -17.02 8.08 -18.04
CA UNK B 9 -16.11 8.68 -17.07
C UNK B 9 -15.52 10.00 -17.58
N UNK B 10 -16.20 11.12 -17.30
CA UNK B 10 -15.72 12.44 -17.70
C UNK B 10 -14.72 12.98 -16.67
N UNK B 11 -13.84 13.89 -17.11
CA UNK B 11 -12.89 14.57 -16.24
C UNK B 11 -12.63 16.00 -16.76
N UNK B 12 -11.94 16.82 -15.94
CA UNK B 12 -11.52 18.16 -16.37
C UNK B 12 -10.49 18.74 -15.38
N UNK C 1 -19.23 -17.20 -13.27
CA UNK C 1 -18.37 -16.84 -12.11
C UNK C 1 -17.38 -15.74 -12.51
N UNK C 2 -17.83 -14.49 -12.30
CA UNK C 2 -17.01 -13.32 -12.57
C UNK C 2 -16.17 -12.97 -11.35
N UNK C 3 -15.12 -12.20 -11.57
CA UNK C 3 -14.28 -11.76 -10.47
C UNK C 3 -13.58 -10.42 -10.80
N UNK C 4 -13.18 -9.72 -9.75
CA UNK C 4 -12.21 -8.65 -9.88
C UNK C 4 -11.23 -8.80 -8.70
N UNK C 5 -10.28 -9.74 -8.84
CA UNK C 5 -9.33 -10.06 -7.78
C UNK C 5 -8.10 -9.17 -7.86
N UNK C 6 -7.38 -9.04 -6.74
CA UNK C 6 -6.05 -8.45 -6.74
C UNK C 6 -5.23 -9.04 -5.58
N UNK C 7 -4.51 -10.15 -5.88
CA UNK C 7 -3.73 -10.86 -4.89
C UNK C 7 -2.33 -10.27 -4.81
N UNK C 8 -1.65 -10.42 -3.65
CA UNK C 8 -0.23 -10.09 -3.54
C UNK C 8 0.46 -11.05 -2.56
N UNK C 9 0.76 -12.28 -3.00
CA UNK C 9 1.34 -13.31 -2.16
C UNK C 9 2.82 -12.99 -1.94
N UNK C 10 3.40 -13.50 -0.84
CA UNK C 10 4.81 -13.26 -0.53
C UNK C 10 5.33 -14.36 0.42
N LYS D 1 4.87 37.23 16.54
CA LYS D 1 4.68 36.38 15.33
C LYS D 1 3.39 35.56 15.44
N VAL D 2 2.74 35.32 14.29
CA VAL D 2 1.53 34.50 14.24
C VAL D 2 1.95 33.10 13.79
N GLN D 3 1.41 32.08 14.46
CA GLN D 3 1.67 30.69 14.10
C GLN D 3 0.36 29.90 14.23
N ILE D 4 0.10 29.01 13.28
CA ILE D 4 -1.05 28.13 13.31
C ILE D 4 -0.58 26.74 12.89
N ILE D 5 -0.94 25.72 13.67
CA ILE D 5 -0.67 24.34 13.34
C ILE D 5 -1.98 23.60 13.37
N ASN D 6 -2.19 22.75 12.36
CA ASN D 6 -3.42 21.98 12.22
C ASN D 6 -3.03 20.58 11.76
N LYS D 7 -2.88 19.65 12.72
CA LYS D 7 -2.49 18.28 12.41
C LYS D 7 -3.57 17.30 12.81
N LYS D 8 -3.90 16.36 11.93
CA LYS D 8 -4.94 15.39 12.25
C LYS D 8 -4.35 14.25 13.07
N LEU D 9 -3.11 13.85 12.76
CA LEU D 9 -2.55 12.64 13.33
C LEU D 9 -1.04 12.77 13.42
N ASP D 10 -0.52 13.04 14.62
CA ASP D 10 0.85 13.48 14.83
C ASP D 10 1.65 12.41 15.58
N LEU D 11 2.72 11.91 14.95
CA LEU D 11 3.76 11.13 15.60
C LEU D 11 5.13 11.69 15.21
N SER D 12 5.26 13.00 15.38
CA SER D 12 6.49 13.64 14.94
C SER D 12 7.51 13.41 16.04
N ASN D 13 8.73 13.02 15.66
CA ASN D 13 9.81 12.86 16.61
C ASN D 13 10.71 14.08 16.55
N VAL D 14 11.09 14.61 17.71
CA VAL D 14 12.11 15.64 17.82
C VAL D 14 13.04 15.28 18.97
N GLN D 15 14.31 15.06 18.67
CA GLN D 15 15.30 14.67 19.68
C GLN D 15 16.53 15.57 19.58
N SER D 16 17.27 15.63 20.68
CA SER D 16 18.52 16.35 20.74
C SER D 16 19.44 15.74 21.79
N LYS D 17 20.60 15.26 21.36
CA LYS D 17 21.58 14.67 22.26
C LYS D 17 20.98 13.43 22.92
N CYS D 18 20.46 12.51 22.11
CA CYS D 18 19.77 11.36 22.64
C CYS D 18 20.46 10.10 22.11
N GLY D 19 20.82 9.20 23.03
CA GLY D 19 21.44 7.94 22.69
C GLY D 19 20.45 6.78 22.83
N SER D 20 20.63 5.74 22.02
CA SER D 20 19.74 4.60 22.07
C SER D 20 20.44 3.34 21.59
N LYS D 21 20.70 2.41 22.52
CA LYS D 21 21.31 1.15 22.17
C LYS D 21 20.27 0.06 22.25
N ASP D 22 20.04 -0.67 21.14
CA ASP D 22 19.06 -1.74 21.05
C ASP D 22 19.75 -3.03 20.60
N ASN D 23 19.63 -4.10 21.40
CA ASN D 23 20.29 -5.35 21.12
C ASN D 23 19.25 -6.47 21.05
N ILE D 24 19.45 -7.40 20.12
CA ILE D 24 18.76 -8.69 20.10
C ILE D 24 19.83 -9.76 19.89
N LYS D 25 20.24 -10.45 20.95
CA LYS D 25 21.45 -11.22 20.88
C LYS D 25 21.11 -12.62 20.39
N HIS D 26 20.44 -13.42 21.21
CA HIS D 26 20.40 -14.86 20.96
C HIS D 26 18.98 -15.38 20.81
N VAL D 27 18.56 -15.62 19.58
CA VAL D 27 17.21 -16.10 19.33
C VAL D 27 17.32 -17.44 18.63
N SER D 28 16.68 -18.47 19.18
CA SER D 28 16.66 -19.80 18.61
C SER D 28 15.21 -20.26 18.49
N GLY D 29 14.93 -20.97 17.39
CA GLY D 29 13.64 -21.60 17.19
C GLY D 29 13.81 -22.99 16.59
N GLY D 30 13.01 -23.95 17.06
CA GLY D 30 12.91 -25.24 16.39
C GLY D 30 12.31 -25.09 15.00
N GLY D 31 11.29 -24.23 14.88
CA GLY D 31 10.59 -24.04 13.62
C GLY D 31 11.10 -22.82 12.88
N SER D 32 10.18 -21.86 12.70
CA SER D 32 10.41 -20.72 11.82
C SER D 32 10.60 -19.49 12.70
N VAL D 33 11.75 -18.82 12.56
CA VAL D 33 12.03 -17.63 13.34
C VAL D 33 11.77 -16.41 12.48
N GLN D 34 11.03 -15.46 13.01
CA GLN D 34 10.71 -14.24 12.31
C GLN D 34 11.00 -13.06 13.22
N ILE D 35 11.83 -12.12 12.76
CA ILE D 35 12.18 -10.95 13.54
C ILE D 35 11.86 -9.72 12.72
N VAL D 36 11.01 -8.85 13.26
CA VAL D 36 10.62 -7.64 12.56
C VAL D 36 11.02 -6.45 13.42
N TYR D 37 11.91 -5.61 12.90
CA TYR D 37 12.58 -4.62 13.71
C TYR D 37 12.15 -3.23 13.26
N LYS D 38 11.55 -2.46 14.17
CA LYS D 38 11.02 -1.12 13.91
C LYS D 38 10.23 -1.01 12.60
N PRO D 39 9.21 -1.84 12.36
CA PRO D 39 8.40 -1.64 11.17
C PRO D 39 7.52 -0.41 11.27
N VAL D 40 7.22 0.16 10.10
CA VAL D 40 6.22 1.21 9.94
C VAL D 40 5.28 0.77 8.83
N ASP D 41 3.98 0.69 9.14
CA ASP D 41 3.04 0.08 8.24
C ASP D 41 1.91 1.05 7.98
N LEU D 42 1.91 1.63 6.78
CA LEU D 42 0.84 2.48 6.30
C LEU D 42 0.08 1.80 5.16
N SER D 43 0.21 0.47 5.03
CA SER D 43 -0.34 -0.24 3.89
C SER D 43 -1.87 -0.28 3.94
N LYS D 44 -2.52 -0.21 2.77
CA LYS D 44 -3.97 -0.26 2.67
C LYS D 44 -4.31 -1.52 1.90
N VAL D 45 -5.42 -2.16 2.27
CA VAL D 45 -5.96 -3.30 1.52
C VAL D 45 -7.47 -3.13 1.46
N THR D 46 -7.97 -2.63 0.33
CA THR D 46 -9.34 -2.17 0.26
C THR D 46 -10.06 -2.92 -0.85
N SER D 47 -11.39 -2.94 -0.80
CA SER D 47 -12.20 -3.44 -1.90
C SER D 47 -13.52 -2.66 -1.95
N LYS D 48 -13.52 -1.60 -2.76
CA LYS D 48 -14.69 -0.75 -2.90
C LYS D 48 -15.57 -1.42 -3.93
N CYS D 49 -16.87 -1.29 -3.75
CA CYS D 49 -17.81 -1.59 -4.81
C CYS D 49 -19.07 -0.77 -4.67
N GLY D 50 -19.55 -0.17 -5.75
CA GLY D 50 -20.79 0.59 -5.72
C GLY D 50 -21.88 -0.16 -6.48
N SER D 51 -23.08 -0.24 -5.91
CA SER D 51 -24.21 -0.90 -6.53
C SER D 51 -23.89 -2.33 -6.94
N LEU D 52 -23.77 -3.21 -5.95
CA LEU D 52 -23.67 -4.64 -6.21
C LEU D 52 -25.06 -5.25 -6.22
N GLY D 53 -25.40 -5.99 -7.28
CA GLY D 53 -26.71 -6.63 -7.42
C GLY D 53 -26.55 -8.13 -7.63
N ASN D 54 -27.31 -8.93 -6.87
CA ASN D 54 -27.27 -10.39 -6.97
C ASN D 54 -28.70 -10.90 -7.04
N ILE D 55 -29.23 -11.00 -8.26
CA ILE D 55 -30.60 -11.39 -8.49
C ILE D 55 -30.60 -12.88 -8.82
N HIS D 56 -31.62 -13.59 -8.34
CA HIS D 56 -31.80 -15.01 -8.62
C HIS D 56 -33.31 -15.23 -8.87
N UNK E 1 -38.16 -9.69 -15.12
CA UNK E 1 -38.41 -8.42 -15.87
C UNK E 1 -37.24 -7.45 -15.64
N UNK E 2 -37.50 -6.14 -15.59
CA UNK E 2 -36.44 -5.15 -15.57
C UNK E 2 -35.56 -5.32 -14.32
N UNK E 3 -34.26 -5.00 -14.47
CA UNK E 3 -33.32 -5.02 -13.37
C UNK E 3 -32.18 -4.04 -13.66
N UNK E 4 -32.30 -2.81 -13.16
CA UNK E 4 -31.26 -1.80 -13.34
C UNK E 4 -30.32 -1.80 -12.14
N UNK E 5 -29.07 -1.32 -12.35
CA UNK E 5 -28.08 -1.13 -11.28
C UNK E 5 -27.18 0.06 -11.61
N UNK E 6 -27.64 1.27 -11.30
CA UNK E 6 -26.87 2.46 -11.61
C UNK E 6 -25.87 2.71 -10.49
N UNK E 7 -24.84 3.53 -10.74
CA UNK E 7 -23.91 3.99 -9.71
C UNK E 7 -23.15 5.22 -10.20
N UNK E 8 -23.57 6.40 -9.75
CA UNK E 8 -22.98 7.65 -10.19
C UNK E 8 -22.02 8.16 -9.11
N UNK E 9 -21.05 9.01 -9.49
CA UNK E 9 -20.13 9.56 -8.51
C UNK E 9 -19.51 10.88 -9.00
N UNK E 10 -20.16 12.01 -8.71
CA UNK E 10 -19.65 13.32 -9.08
C UNK E 10 -18.64 13.82 -8.05
N UNK E 11 -17.74 14.71 -8.48
CA UNK E 11 -16.77 15.37 -7.59
C UNK E 11 -16.47 16.79 -8.09
N UNK E 12 -15.76 17.58 -7.26
CA UNK E 12 -15.30 18.91 -7.67
C UNK E 12 -14.27 19.45 -6.67
N UNK F 1 -23.92 -16.28 -5.07
CA UNK F 1 -23.06 -15.95 -3.90
C UNK F 1 -22.04 -14.87 -4.28
N UNK F 2 -22.45 -13.61 -4.06
CA UNK F 2 -21.60 -12.45 -4.31
C UNK F 2 -20.76 -12.15 -3.08
N UNK F 3 -19.68 -11.39 -3.29
CA UNK F 3 -18.83 -11.00 -2.18
C UNK F 3 -18.11 -9.68 -2.49
N UNK F 4 -17.69 -8.99 -1.43
CA UNK F 4 -16.69 -7.95 -1.54
C UNK F 4 -15.73 -8.14 -0.36
N UNK F 5 -14.80 -9.10 -0.51
CA UNK F 5 -13.86 -9.46 0.54
C UNK F 5 -12.60 -8.59 0.47
N UNK F 6 -11.89 -8.51 1.60
CA UNK F 6 -10.55 -7.94 1.62
C UNK F 6 -9.73 -8.58 2.77
N UNK F 7 -9.05 -9.69 2.45
CA UNK F 7 -8.29 -10.45 3.44
C UNK F 7 -6.86 -9.90 3.53
N UNK F 8 -6.20 -10.07 4.68
CA UNK F 8 -4.76 -9.79 4.80
C UNK F 8 -4.11 -10.77 5.78
N UNK F 9 -3.85 -12.00 5.30
CA UNK F 9 -3.29 -13.06 6.14
C UNK F 9 -1.80 -12.78 6.37
N UNK F 10 -1.24 -13.31 7.46
CA UNK F 10 0.17 -13.12 7.77
C UNK F 10 0.66 -14.25 8.71
N LYS G 1 9.90 37.33 3.04
CA LYS G 1 9.73 36.46 1.84
C LYS G 1 8.49 35.59 1.97
N VAL G 2 7.84 35.29 0.83
CA VAL G 2 6.67 34.43 0.80
C VAL G 2 7.14 33.04 0.38
N GLN G 3 6.64 32.00 1.08
CA GLN G 3 6.94 30.62 0.75
C GLN G 3 5.67 29.79 0.90
N ILE G 4 5.45 28.88 -0.04
CA ILE G 4 4.33 27.95 0.01
C ILE G 4 4.85 26.57 -0.38
N ILE G 5 4.52 25.55 0.43
CA ILE G 5 4.86 24.18 0.12
C ILE G 5 3.56 23.38 0.16
N ASN G 6 3.38 22.50 -0.83
CA ASN G 6 2.19 21.70 -0.93
C ASN G 6 2.63 20.29 -1.37
N LYS G 7 2.83 19.39 -0.40
CA LYS G 7 3.26 18.03 -0.69
C LYS G 7 2.22 17.03 -0.25
N LYS G 8 1.92 16.05 -1.11
CA LYS G 8 0.92 15.05 -0.78
C LYS G 8 1.57 13.95 0.07
N LEU G 9 2.81 13.59 -0.23
CA LEU G 9 3.42 12.41 0.36
C LEU G 9 4.93 12.60 0.44
N ASP G 10 5.44 12.92 1.64
CA ASP G 10 6.79 13.42 1.83
C ASP G 10 7.63 12.40 2.60
N LEU G 11 8.72 11.91 1.97
CA LEU G 11 9.79 11.19 2.62
C LEU G 11 11.13 11.81 2.22
N SER G 12 11.23 13.11 2.36
CA SER G 12 12.42 13.79 1.91
C SER G 12 13.45 13.62 3.01
N ASN G 13 14.67 13.27 2.63
CA ASN G 13 15.77 13.17 3.58
C ASN G 13 16.63 14.42 3.49
N VAL G 14 16.98 14.99 4.65
CA VAL G 14 17.96 16.06 4.72
C VAL G 14 18.91 15.77 5.87
N GLN G 15 20.21 15.58 5.58
CA GLN G 15 21.19 15.26 6.60
C GLN G 15 22.39 16.20 6.47
N SER G 16 23.13 16.32 7.57
CA SER G 16 24.35 17.08 7.60
C SER G 16 25.29 16.53 8.67
N LYS G 17 26.48 16.09 8.25
CA LYS G 17 27.48 15.55 9.15
C LYS G 17 26.94 14.30 9.84
N CYS G 18 26.44 13.36 9.04
CA CYS G 18 25.81 12.18 9.60
C CYS G 18 26.54 10.94 9.10
N GLY G 19 26.94 10.08 10.03
CA GLY G 19 27.61 8.82 9.72
C GLY G 19 26.65 7.64 9.89
N SER G 20 26.87 6.59 9.08
CA SER G 20 26.02 5.41 9.18
C SER G 20 26.77 4.17 8.72
N LYS G 21 27.06 3.28 9.66
CA LYS G 21 27.73 2.03 9.33
C LYS G 21 26.72 0.89 9.44
N ASP G 22 26.53 0.14 8.34
CA ASP G 22 25.59 -0.97 8.28
C ASP G 22 26.31 -2.23 7.85
N ASN G 23 26.25 -3.29 8.67
CA ASN G 23 26.96 -4.53 8.41
C ASN G 23 25.97 -5.68 8.38
N ILE G 24 26.20 -6.63 7.46
CA ILE G 24 25.56 -7.94 7.47
C ILE G 24 26.66 -8.97 7.27
N LYS G 25 27.10 -9.62 8.36
CA LYS G 25 28.35 -10.35 8.29
C LYS G 25 28.06 -11.77 7.83
N HIS G 26 27.41 -12.59 8.67
CA HIS G 26 27.43 -14.03 8.45
C HIS G 26 26.02 -14.60 8.32
N VAL G 27 25.61 -14.89 7.09
CA VAL G 27 24.29 -15.42 6.86
C VAL G 27 24.45 -16.78 6.18
N SER G 28 23.84 -17.81 6.77
CA SER G 28 23.87 -19.14 6.21
C SER G 28 22.44 -19.66 6.10
N GLY G 29 22.18 -20.41 5.03
CA GLY G 29 20.92 -21.09 4.84
C GLY G 29 21.14 -22.48 4.26
N GLY G 30 20.38 -23.47 4.76
CA GLY G 30 20.33 -24.77 4.13
C GLY G 30 19.71 -24.68 2.73
N GLY G 31 18.67 -23.86 2.60
CA GLY G 31 17.96 -23.72 1.34
C GLY G 31 18.42 -22.49 0.56
N SER G 32 17.46 -21.58 0.37
CA SER G 32 17.64 -20.45 -0.52
C SER G 32 17.79 -19.20 0.33
N VAL G 33 18.91 -18.48 0.16
CA VAL G 33 19.16 -17.28 0.92
C VAL G 33 18.84 -16.08 0.04
N GLN G 34 18.06 -15.15 0.56
CA GLN G 34 17.70 -13.95 -0.18
C GLN G 34 17.94 -12.74 0.71
N ILE G 35 18.73 -11.78 0.23
CA ILE G 35 19.05 -10.59 0.99
C ILE G 35 18.69 -9.39 0.15
N VAL G 36 17.79 -8.54 0.66
CA VAL G 36 17.35 -7.36 -0.06
C VAL G 36 17.72 -6.14 0.77
N TYR G 37 18.57 -5.28 0.24
CA TYR G 37 19.20 -4.24 1.03
C TYR G 37 18.73 -2.88 0.55
N LYS G 38 18.09 -2.11 1.44
CA LYS G 38 17.52 -0.81 1.16
C LYS G 38 16.72 -0.75 -0.15
N PRO G 39 15.72 -1.62 -0.37
CA PRO G 39 14.89 -1.48 -1.55
C PRO G 39 13.97 -0.28 -1.48
N VAL G 40 13.65 0.26 -2.66
CA VAL G 40 12.62 1.26 -2.84
C VAL G 40 11.69 0.76 -3.93
N ASP G 41 10.39 0.64 -3.63
CA ASP G 41 9.47 -0.03 -4.51
C ASP G 41 8.30 0.90 -4.78
N LEU G 42 8.28 1.45 -5.98
CA LEU G 42 7.17 2.25 -6.48
C LEU G 42 6.43 1.51 -7.60
N SER G 43 6.63 0.19 -7.71
CA SER G 43 6.10 -0.56 -8.83
C SER G 43 4.56 -0.66 -8.78
N LYS G 44 3.91 -0.62 -9.95
CA LYS G 44 2.46 -0.75 -10.04
C LYS G 44 2.17 -2.03 -10.77
N VAL G 45 1.08 -2.71 -10.39
CA VAL G 45 0.59 -3.88 -11.12
C VAL G 45 -0.93 -3.78 -11.17
N THR G 46 -1.44 -3.31 -12.30
CA THR G 46 -2.83 -2.92 -12.38
C THR G 46 -3.53 -3.71 -13.48
N SER G 47 -4.87 -3.77 -13.42
CA SER G 47 -5.66 -4.33 -14.51
C SER G 47 -7.00 -3.60 -14.58
N LYS G 48 -7.04 -2.55 -15.40
CA LYS G 48 -8.24 -1.76 -15.56
C LYS G 48 -9.10 -2.49 -16.57
N CYS G 49 -10.40 -2.39 -16.39
CA CYS G 49 -11.34 -2.75 -17.43
C CYS G 49 -12.64 -1.98 -17.30
N GLY G 50 -13.14 -1.42 -18.40
CA GLY G 50 -14.40 -0.71 -18.39
C GLY G 50 -15.47 -1.52 -19.12
N SER G 51 -16.66 -1.63 -18.54
CA SER G 51 -17.76 -2.34 -19.15
C SER G 51 -17.38 -3.77 -19.54
N LEU G 52 -17.23 -4.63 -18.52
CA LEU G 52 -17.08 -6.04 -18.76
C LEU G 52 -18.45 -6.72 -18.75
N GLY G 53 -18.76 -7.49 -19.79
CA GLY G 53 -20.04 -8.19 -19.92
C GLY G 53 -19.83 -9.69 -20.09
N ASN G 54 -20.56 -10.50 -19.32
CA ASN G 54 -20.46 -11.95 -19.37
C ASN G 54 -21.88 -12.51 -19.44
N ILE G 55 -22.39 -12.65 -20.66
CA ILE G 55 -23.75 -13.11 -20.87
C ILE G 55 -23.69 -14.60 -21.17
N HIS G 56 -24.68 -15.34 -20.68
CA HIS G 56 -24.82 -16.78 -20.92
C HIS G 56 -26.32 -17.06 -21.17
N UNK H 1 -31.39 -11.83 -27.50
CA UNK H 1 -31.70 -10.59 -28.27
C UNK H 1 -30.56 -9.57 -28.07
N UNK H 2 -30.88 -8.27 -28.04
CA UNK H 2 -29.85 -7.24 -28.05
C UNK H 2 -28.95 -7.35 -26.81
N UNK H 3 -27.67 -6.99 -26.97
CA UNK H 3 -26.72 -6.95 -25.86
C UNK H 3 -25.63 -5.94 -26.17
N UNK H 4 -25.79 -4.70 -25.71
CA UNK H 4 -24.81 -3.66 -25.91
C UNK H 4 -23.85 -3.59 -24.72
N UNK H 5 -22.63 -3.06 -24.94
CA UNK H 5 -21.65 -2.82 -23.87
C UNK H 5 -20.79 -1.60 -24.23
N UNK H 6 -21.29 -0.40 -23.94
CA UNK H 6 -20.56 0.81 -24.29
C UNK H 6 -19.58 1.12 -23.17
N UNK H 7 -18.58 1.98 -23.44
CA UNK H 7 -17.66 2.48 -22.42
C UNK H 7 -16.95 3.72 -22.95
N UNK H 8 -17.41 4.91 -22.52
CA UNK H 8 -16.87 6.17 -22.98
C UNK H 8 -15.94 6.74 -21.91
N UNK H 9 -15.00 7.61 -22.31
CA UNK H 9 -14.10 8.22 -21.34
C UNK H 9 -13.53 9.55 -21.87
N UNK H 10 -14.22 10.67 -21.59
CA UNK H 10 -13.77 11.99 -22.00
C UNK H 10 -12.77 12.54 -20.98
N UNK H 11 -11.90 13.46 -21.44
CA UNK H 11 -10.95 14.17 -20.57
C UNK H 11 -10.71 15.60 -21.09
N UNK H 12 -10.03 16.43 -20.29
CA UNK H 12 -9.63 17.77 -20.72
C UNK H 12 -8.61 18.37 -19.73
N UNK I 1 -16.89 -17.66 -17.38
CA UNK I 1 -16.02 -17.29 -16.22
C UNK I 1 -15.05 -16.17 -16.62
N UNK I 2 -15.51 -14.93 -16.43
CA UNK I 2 -14.71 -13.74 -16.70
C UNK I 2 -13.88 -13.38 -15.49
N UNK I 3 -12.82 -12.59 -15.71
CA UNK I 3 -11.99 -12.13 -14.61
C UNK I 3 -11.33 -10.80 -14.95
N UNK I 4 -10.93 -10.07 -13.91
CA UNK I 4 -9.97 -9.00 -14.04
C UNK I 4 -8.99 -9.13 -12.87
N UNK I 5 -8.03 -10.05 -13.00
CA UNK I 5 -7.08 -10.36 -11.94
C UNK I 5 -5.85 -9.45 -12.04
N UNK I 6 -5.13 -9.30 -10.91
CA UNK I 6 -3.81 -8.70 -10.91
C UNK I 6 -2.97 -9.28 -9.76
N UNK I 7 -2.26 -10.37 -10.04
CA UNK I 7 -1.45 -11.07 -9.04
C UNK I 7 -0.05 -10.46 -8.97
N UNK I 8 0.62 -10.59 -7.82
CA UNK I 8 2.05 -10.25 -7.71
C UNK I 8 2.74 -11.19 -6.71
N UNK I 9 3.05 -12.41 -7.17
CA UNK I 9 3.66 -13.43 -6.31
C UNK I 9 5.12 -13.09 -6.09
N UNK I 10 5.71 -13.58 -4.99
CA UNK I 10 7.11 -13.33 -4.68
C UNK I 10 7.64 -14.41 -3.73
N LYS J 1 6.55 37.27 12.04
CA LYS J 1 6.37 36.42 10.83
C LYS J 1 5.10 35.58 10.95
N VAL J 2 4.44 35.32 9.80
CA VAL J 2 3.25 34.49 9.77
C VAL J 2 3.68 33.09 9.32
N GLN J 3 3.16 32.06 10.01
CA GLN J 3 3.43 30.67 9.66
C GLN J 3 2.13 29.87 9.79
N ILE J 4 1.90 28.97 8.84
CA ILE J 4 0.75 28.08 8.87
C ILE J 4 1.23 26.68 8.47
N ILE J 5 0.89 25.68 9.26
CA ILE J 5 1.17 24.29 8.94
C ILE J 5 -0.13 23.54 8.96
N ASN J 6 -0.33 22.67 7.98
CA ASN J 6 -1.55 21.89 7.84
C ASN J 6 -1.14 20.50 7.39
N LYS J 7 -0.97 19.57 8.35
CA LYS J 7 -0.57 18.20 8.04
C LYS J 7 -1.64 17.22 8.46
N LYS J 8 -1.96 16.26 7.59
CA LYS J 8 -2.98 15.28 7.91
C LYS J 8 -2.37 14.16 8.74
N LEU J 9 -1.13 13.77 8.43
CA LEU J 9 -0.56 12.57 9.01
C LEU J 9 0.96 12.72 9.10
N ASP J 10 1.47 13.00 10.30
CA ASP J 10 2.83 13.47 10.50
C ASP J 10 3.65 12.41 11.26
N LEU J 11 4.72 11.91 10.62
CA LEU J 11 5.78 11.16 11.27
C LEU J 11 7.13 11.73 10.88
N SER J 12 7.26 13.04 11.04
CA SER J 12 8.47 13.69 10.60
C SER J 12 9.50 13.48 11.70
N ASN J 13 10.71 13.11 11.32
CA ASN J 13 11.80 12.96 12.27
C ASN J 13 12.69 14.20 12.20
N VAL J 14 13.06 14.75 13.36
CA VAL J 14 14.07 15.78 13.45
C VAL J 14 15.00 15.45 14.60
N GLN J 15 16.29 15.23 14.31
CA GLN J 15 17.27 14.88 15.32
C GLN J 15 18.49 15.78 15.21
N SER J 16 19.23 15.86 16.32
CA SER J 16 20.47 16.60 16.36
C SER J 16 21.39 16.01 17.42
N LYS J 17 22.57 15.54 17.00
CA LYS J 17 23.56 14.96 17.89
C LYS J 17 22.97 13.72 18.56
N CYS J 18 22.46 12.80 17.75
CA CYS J 18 21.80 11.63 18.30
C CYS J 18 22.50 10.38 17.78
N GLY J 19 22.87 9.50 18.70
CA GLY J 19 23.50 8.23 18.37
C GLY J 19 22.53 7.07 18.52
N SER J 20 22.72 6.02 17.71
CA SER J 20 21.84 4.88 17.78
C SER J 20 22.55 3.62 17.31
N LYS J 21 22.83 2.71 18.24
CA LYS J 21 23.46 1.44 17.90
C LYS J 21 22.42 0.33 17.98
N ASP J 22 22.22 -0.39 16.87
CA ASP J 22 21.24 -1.48 16.80
C ASP J 22 21.94 -2.76 16.36
N ASN J 23 21.85 -3.83 17.16
CA ASN J 23 22.52 -5.08 16.89
C ASN J 23 21.50 -6.21 16.83
N ILE J 24 21.70 -7.14 15.91
CA ILE J 24 21.04 -8.43 15.90
C ILE J 24 22.12 -9.50 15.69
N LYS J 25 22.53 -10.17 16.76
CA LYS J 25 23.77 -10.93 16.69
C LYS J 25 23.44 -12.34 16.21
N HIS J 26 22.78 -13.15 17.03
CA HIS J 26 22.75 -14.59 16.80
C HIS J 26 21.33 -15.11 16.65
N VAL J 27 20.91 -15.38 15.42
CA VAL J 27 19.58 -15.88 15.18
C VAL J 27 19.71 -17.23 14.48
N SER J 28 19.07 -18.25 15.05
CA SER J 28 19.07 -19.58 14.48
C SER J 28 17.63 -20.07 14.36
N GLY J 29 17.35 -20.79 13.27
CA GLY J 29 16.07 -21.43 13.07
C GLY J 29 16.25 -22.83 12.48
N GLY J 30 15.48 -23.79 12.97
CA GLY J 30 15.39 -25.08 12.31
C GLY J 30 14.77 -24.96 10.91
N GLY J 31 13.75 -24.11 10.79
CA GLY J 31 13.05 -23.94 9.53
C GLY J 31 13.55 -22.71 8.77
N SER J 32 12.62 -21.77 8.59
CA SER J 32 12.83 -20.64 7.72
C SER J 32 13.00 -19.40 8.59
N VAL J 33 14.14 -18.71 8.43
CA VAL J 33 14.41 -17.52 9.20
C VAL J 33 14.13 -16.31 8.33
N GLN J 34 13.37 -15.36 8.86
CA GLN J 34 13.05 -14.15 8.14
C GLN J 34 13.32 -12.96 9.05
N ILE J 35 14.14 -12.01 8.59
CA ILE J 35 14.48 -10.83 9.36
C ILE J 35 14.15 -9.60 8.54
N VAL J 36 13.28 -8.75 9.06
CA VAL J 36 12.88 -7.55 8.35
C VAL J 36 13.26 -6.35 9.21
N TYR J 37 14.14 -5.51 8.68
CA TYR J 37 14.79 -4.49 9.48
C TYR J 37 14.35 -3.11 9.02
N LYS J 38 13.73 -2.35 9.92
CA LYS J 38 13.20 -1.01 9.66
C LYS J 38 12.41 -0.92 8.35
N PRO J 39 11.38 -1.77 8.13
CA PRO J 39 10.57 -1.59 6.94
C PRO J 39 9.67 -0.36 7.02
N VAL J 40 9.37 0.20 5.85
CA VAL J 40 8.36 1.23 5.68
C VAL J 40 7.42 0.77 4.58
N ASP J 41 6.12 0.68 4.89
CA ASP J 41 5.18 0.04 3.98
C ASP J 41 4.04 0.99 3.72
N LEU J 42 4.03 1.58 2.54
CA LEU J 42 2.95 2.40 2.05
C LEU J 42 2.20 1.71 0.91
N SER J 43 2.35 0.38 0.78
CA SER J 43 1.80 -0.35 -0.35
C SER J 43 0.27 -0.40 -0.30
N LYS J 44 -0.37 -0.35 -1.47
CA LYS J 44 -1.83 -0.42 -1.57
C LYS J 44 -2.15 -1.70 -2.32
N VAL J 45 -3.25 -2.35 -1.95
CA VAL J 45 -3.77 -3.49 -2.69
C VAL J 45 -5.29 -3.35 -2.76
N THR J 46 -5.80 -2.86 -3.88
CA THR J 46 -7.17 -2.42 -3.95
C THR J 46 -7.88 -3.18 -5.07
N SER J 47 -9.21 -3.22 -5.00
CA SER J 47 -10.03 -3.74 -6.10
C SER J 47 -11.35 -2.97 -6.16
N LYS J 48 -11.35 -1.92 -6.96
CA LYS J 48 -12.53 -1.08 -7.12
C LYS J 48 -13.41 -1.78 -8.14
N CYS J 49 -14.71 -1.65 -7.96
CA CYS J 49 -15.65 -1.98 -9.01
C CYS J 49 -16.93 -1.17 -8.87
N GLY J 50 -17.41 -0.58 -9.97
CA GLY J 50 -18.67 0.16 -9.95
C GLY J 50 -19.75 -0.61 -10.69
N SER J 51 -20.93 -0.70 -10.11
CA SER J 51 -22.06 -1.37 -10.74
C SER J 51 -21.72 -2.82 -11.14
N LEU J 52 -21.59 -3.68 -10.15
CA LEU J 52 -21.47 -5.11 -10.40
C LEU J 52 -22.86 -5.74 -10.40
N GLY J 53 -23.19 -6.49 -11.45
CA GLY J 53 -24.48 -7.15 -11.59
C GLY J 53 -24.31 -8.65 -11.79
N ASN J 54 -25.06 -9.45 -11.02
CA ASN J 54 -25.00 -10.91 -11.10
C ASN J 54 -26.43 -11.44 -11.17
N ILE J 55 -26.94 -11.54 -12.39
CA ILE J 55 -28.32 -11.96 -12.62
C ILE J 55 -28.30 -13.45 -12.94
N HIS J 56 -29.31 -14.18 -12.46
CA HIS J 56 -29.48 -15.60 -12.72
C HIS J 56 -30.98 -15.85 -12.97
N UNK K 1 -35.91 -10.40 -19.25
CA UNK K 1 -36.17 -9.14 -20.01
C UNK K 1 -35.02 -8.16 -19.78
N UNK K 2 -35.30 -6.84 -19.74
CA UNK K 2 -34.24 -5.85 -19.73
C UNK K 2 -33.36 -5.99 -18.48
N UNK K 3 -32.07 -5.67 -18.64
CA UNK K 3 -31.12 -5.67 -17.53
C UNK K 3 -30.00 -4.68 -17.83
N UNK K 4 -30.13 -3.44 -17.34
CA UNK K 4 -29.12 -2.42 -17.54
C UNK K 4 -28.16 -2.40 -16.34
N UNK K 5 -26.93 -1.90 -16.54
CA UNK K 5 -25.95 -1.70 -15.47
C UNK K 5 -25.06 -0.49 -15.81
N UNK K 6 -25.53 0.72 -15.51
CA UNK K 6 -24.77 1.91 -15.84
C UNK K 6 -23.77 2.18 -14.71
N UNK K 7 -22.75 3.02 -14.98
CA UNK K 7 -21.84 3.48 -13.95
C UNK K 7 -21.08 4.72 -14.45
N UNK K 8 -21.52 5.91 -14.02
CA UNK K 8 -20.94 7.17 -14.46
C UNK K 8 -19.99 7.69 -13.37
N UNK K 9 -19.04 8.55 -13.76
CA UNK K 9 -18.12 9.12 -12.78
C UNK K 9 -17.52 10.44 -13.29
N UNK K 10 -18.18 11.57 -13.00
CA UNK K 10 -17.69 12.89 -13.39
C UNK K 10 -16.69 13.40 -12.36
N UNK K 11 -15.79 14.30 -12.80
CA UNK K 11 -14.83 14.97 -11.92
C UNK K 11 -14.55 16.40 -12.42
N UNK K 12 -13.85 17.20 -11.61
CA UNK K 12 -13.41 18.54 -12.02
C UNK K 12 -12.38 19.09 -11.02
N UNK L 1 -21.58 -16.74 -9.18
CA UNK L 1 -20.71 -16.40 -8.01
C UNK L 1 -19.71 -15.31 -8.39
N UNK L 2 -20.14 -14.05 -8.18
CA UNK L 2 -19.31 -12.89 -8.44
C UNK L 2 -18.47 -12.56 -7.22
N UNK L 3 -17.40 -11.80 -7.43
CA UNK L 3 -16.55 -11.37 -6.33
C UNK L 3 -15.85 -10.05 -6.64
N UNK L 4 -15.44 -9.36 -5.59
CA UNK L 4 -14.45 -8.30 -5.70
C UNK L 4 -13.48 -8.47 -4.54
N UNK L 5 -12.54 -9.42 -4.68
CA UNK L 5 -11.60 -9.76 -3.62
C UNK L 5 -10.35 -8.88 -3.70
N UNK L 6 -9.64 -8.77 -2.57
CA UNK L 6 -8.30 -8.20 -2.56
C UNK L 6 -7.47 -8.82 -1.41
N UNK L 7 -6.78 -9.92 -1.71
CA UNK L 7 -6.01 -10.66 -0.72
C UNK L 7 -4.59 -10.08 -0.63
N UNK L 8 -3.92 -10.24 0.51
CA UNK L 8 -2.49 -9.94 0.64
C UNK L 8 -1.82 -10.91 1.62
N UNK L 9 -1.54 -12.14 1.15
CA UNK L 9 -0.96 -13.19 1.99
C UNK L 9 0.51 -12.88 2.22
N UNK L 10 1.07 -13.40 3.32
CA UNK L 10 2.49 -13.19 3.63
C UNK L 10 2.99 -14.31 4.57
#